data_5ZJZ
#
_entry.id   5ZJZ
#
_cell.length_a   91.270
_cell.length_b   38.300
_cell.length_c   78.930
_cell.angle_alpha   90.00
_cell.angle_beta   122.74
_cell.angle_gamma   90.00
#
_symmetry.space_group_name_H-M   'C 1 2 1'
#
loop_
_entity.id
_entity.type
_entity.pdbx_description
1 polymer 'Eukaryotic translation initiation factor 4E'
2 polymer 'Eukaryotic translation initiation factor 4 gamma 1'
3 non-polymer "7N-METHYL-8-HYDROGUANOSINE-5'-TRIPHOSPHATE"
4 water water
#
loop_
_entity_poly.entity_id
_entity_poly.type
_entity_poly.pdbx_seq_one_letter_code
_entity_poly.pdbx_strand_id
1 'polypeptide(L)'
;MVANPEHYIKHPLQNRWALWFFKNDKSKTWQANLRLISKFDTVEDFWALYNHIQLSSNLMPGCDYSLFKDGIEPMWEDEK
NKRGGRWLITLNKQQRRSDLDRFWLETLLCLIGESFDDYSDDVCGAVVNVRAKGDKIAIWTTECENREAVTHIGRVYKER
LGLPPKIVIGYQSHADTATKSGSTTKNRFVV
;
A
2 'polypeptide(L)' (ACE)KKRYSR(MK8)QLL(MK8)FW(NH2) B
#
# COMPACT_ATOMS: atom_id res chain seq x y z
N GLU A 6 23.20 19.84 0.73
CA GLU A 6 23.22 20.92 -0.31
C GLU A 6 22.05 21.92 -0.21
N HIS A 7 20.97 21.54 0.48
CA HIS A 7 19.87 22.43 0.83
C HIS A 7 18.87 22.75 -0.31
N TYR A 8 19.34 23.28 -1.44
CA TYR A 8 18.42 23.68 -2.55
C TYR A 8 17.93 22.53 -3.45
N ILE A 9 18.42 21.30 -3.25
CA ILE A 9 18.05 20.17 -4.10
C ILE A 9 16.96 19.37 -3.41
N LYS A 10 15.90 19.02 -4.14
CA LYS A 10 14.86 18.11 -3.60
C LYS A 10 15.44 16.71 -3.46
N HIS A 11 14.84 15.89 -2.61
CA HIS A 11 15.35 14.56 -2.32
C HIS A 11 14.60 13.55 -3.20
N PRO A 12 15.27 13.02 -4.25
CA PRO A 12 14.54 12.17 -5.20
C PRO A 12 14.26 10.79 -4.66
N LEU A 13 13.11 10.25 -5.05
CA LEU A 13 12.74 8.87 -4.73
C LEU A 13 13.30 7.93 -5.79
N GLN A 14 13.55 6.67 -5.39
CA GLN A 14 13.98 5.67 -6.36
C GLN A 14 12.96 5.51 -7.49
N ASN A 15 11.68 5.53 -7.13
CA ASN A 15 10.59 5.40 -8.10
C ASN A 15 9.69 6.63 -8.12
N ARG A 16 9.09 6.87 -9.28
CA ARG A 16 7.93 7.77 -9.41
C ARG A 16 6.70 6.97 -9.00
N TRP A 17 5.87 7.57 -8.17
CA TRP A 17 4.65 6.94 -7.64
C TRP A 17 3.39 7.68 -8.11
N ALA A 18 2.29 6.92 -8.24
CA ALA A 18 1.01 7.48 -8.60
C ALA A 18 -0.01 7.18 -7.49
N LEU A 19 -0.70 8.21 -7.02
CA LEU A 19 -1.76 8.06 -6.06
C LEU A 19 -3.10 8.05 -6.76
N TRP A 20 -3.89 7.01 -6.49
CA TRP A 20 -5.22 6.81 -7.02
C TRP A 20 -6.29 6.92 -5.91
N PHE A 21 -7.48 7.37 -6.31
CA PHE A 21 -8.67 7.41 -5.46
C PHE A 21 -9.75 6.57 -6.10
N PHE A 22 -10.53 5.90 -5.27
CA PHE A 22 -11.67 5.13 -5.71
C PHE A 22 -12.87 5.52 -4.87
N LYS A 23 -13.99 5.77 -5.54
CA LYS A 23 -15.30 5.91 -4.90
C LYS A 23 -16.33 5.35 -5.86
N ASN A 24 -17.30 4.60 -5.34
CA ASN A 24 -18.23 3.83 -6.18
C ASN A 24 -19.45 4.70 -6.56
N ASP A 25 -19.18 5.82 -7.21
CA ASP A 25 -20.21 6.82 -7.51
C ASP A 25 -20.25 7.32 -8.98
N LYS A 26 -19.47 6.71 -9.87
CA LYS A 26 -19.49 7.10 -11.30
C LYS A 26 -20.07 6.02 -12.20
N SER A 27 -19.69 4.76 -11.97
CA SER A 27 -20.00 3.66 -12.88
C SER A 27 -20.36 2.36 -12.18
N LYS A 28 -21.19 1.56 -12.84
CA LYS A 28 -21.47 0.21 -12.37
C LYS A 28 -20.35 -0.80 -12.68
N THR A 29 -19.38 -0.41 -13.51
CA THR A 29 -18.16 -1.18 -13.72
C THR A 29 -17.10 -0.65 -12.76
N TRP A 30 -16.39 -1.55 -12.10
CA TRP A 30 -15.45 -1.19 -11.05
C TRP A 30 -14.37 -0.21 -11.52
N GLN A 31 -13.64 -0.55 -12.58
CA GLN A 31 -12.46 0.25 -12.95
C GLN A 31 -12.74 1.70 -13.38
N ALA A 32 -13.95 1.97 -13.86
CA ALA A 32 -14.33 3.33 -14.26
C ALA A 32 -14.56 4.28 -13.08
N ASN A 33 -14.56 3.75 -11.85
CA ASN A 33 -14.58 4.55 -10.62
C ASN A 33 -13.19 4.97 -10.12
N LEU A 34 -12.12 4.49 -10.75
CA LEU A 34 -10.76 4.94 -10.41
C LEU A 34 -10.45 6.34 -10.93
N ARG A 35 -9.83 7.15 -10.08
CA ARG A 35 -9.31 8.48 -10.43
C ARG A 35 -7.82 8.54 -10.11
N LEU A 36 -7.01 8.96 -11.07
CA LEU A 36 -5.62 9.33 -10.78
C LEU A 36 -5.59 10.71 -10.12
N ILE A 37 -5.05 10.79 -8.91
CA ILE A 37 -4.99 12.06 -8.17
C ILE A 37 -3.74 12.82 -8.61
N SER A 38 -2.59 12.16 -8.49
CA SER A 38 -1.30 12.85 -8.70
C SER A 38 -0.15 11.86 -8.81
N LYS A 39 0.96 12.32 -9.38
CA LYS A 39 2.21 11.57 -9.38
C LYS A 39 3.27 12.40 -8.70
N PHE A 40 4.26 11.72 -8.11
CA PHE A 40 5.37 12.42 -7.48
C PHE A 40 6.61 11.56 -7.50
N ASP A 41 7.77 12.19 -7.43
CA ASP A 41 9.03 11.47 -7.39
C ASP A 41 10.11 12.07 -6.49
N THR A 42 9.71 12.89 -5.52
CA THR A 42 10.62 13.40 -4.49
C THR A 42 9.91 13.32 -3.14
N VAL A 43 10.69 13.36 -2.08
CA VAL A 43 10.14 13.34 -0.71
C VAL A 43 9.26 14.59 -0.50
N GLU A 44 9.76 15.74 -0.93
CA GLU A 44 9.06 17.01 -0.73
C GLU A 44 7.71 17.04 -1.43
N ASP A 45 7.65 16.49 -2.63
CA ASP A 45 6.41 16.43 -3.40
C ASP A 45 5.43 15.43 -2.81
N PHE A 46 5.94 14.34 -2.23
CA PHE A 46 5.10 13.42 -1.47
C PHE A 46 4.39 14.14 -0.32
N TRP A 47 5.16 14.85 0.51
CA TRP A 47 4.54 15.50 1.67
C TRP A 47 3.55 16.61 1.26
N ALA A 48 3.86 17.33 0.20
CA ALA A 48 2.94 18.34 -0.35
C ALA A 48 1.61 17.72 -0.72
N LEU A 49 1.64 16.56 -1.39
CA LEU A 49 0.42 15.82 -1.71
C LEU A 49 -0.31 15.31 -0.47
N TYR A 50 0.42 14.63 0.41
CA TYR A 50 -0.13 14.12 1.66
C TYR A 50 -0.82 15.22 2.47
N ASN A 51 -0.19 16.39 2.54
CA ASN A 51 -0.79 17.53 3.26
C ASN A 51 -2.11 18.05 2.68
N HIS A 52 -2.32 17.84 1.38
CA HIS A 52 -3.51 18.36 0.69
C HIS A 52 -4.74 17.45 0.75
N ILE A 53 -4.55 16.16 1.02
CA ILE A 53 -5.61 15.17 0.91
C ILE A 53 -6.14 14.71 2.25
N GLN A 54 -7.38 14.25 2.23
CA GLN A 54 -8.07 13.77 3.43
C GLN A 54 -7.34 12.57 4.04
N LEU A 55 -7.33 12.51 5.36
CA LEU A 55 -6.97 11.27 6.05
C LEU A 55 -7.95 10.16 5.68
N SER A 56 -7.45 8.93 5.62
CA SER A 56 -8.27 7.78 5.25
C SER A 56 -9.47 7.62 6.17
N SER A 57 -9.26 7.93 7.46
CA SER A 57 -10.35 7.88 8.46
C SER A 57 -11.48 8.90 8.25
N ASN A 58 -11.23 9.95 7.46
CA ASN A 58 -12.26 10.95 7.15
CA ASN A 58 -12.24 10.95 7.14
C ASN A 58 -12.93 10.72 5.79
N LEU A 59 -12.60 9.61 5.12
CA LEU A 59 -13.26 9.26 3.85
C LEU A 59 -14.58 8.52 4.12
N MET A 60 -15.55 8.67 3.23
CA MET A 60 -16.81 7.93 3.32
C MET A 60 -16.53 6.44 3.14
N PRO A 61 -17.26 5.58 3.86
CA PRO A 61 -17.17 4.13 3.63
C PRO A 61 -17.40 3.78 2.14
N GLY A 62 -16.57 2.87 1.63
CA GLY A 62 -16.56 2.50 0.23
C GLY A 62 -15.46 3.13 -0.61
N CYS A 63 -14.65 4.01 -0.03
CA CYS A 63 -13.55 4.67 -0.75
C CYS A 63 -12.22 3.93 -0.56
N ASP A 64 -11.31 4.10 -1.52
CA ASP A 64 -9.94 3.57 -1.43
C ASP A 64 -8.95 4.65 -1.81
N TYR A 65 -7.77 4.62 -1.20
CA TYR A 65 -6.57 5.17 -1.82
C TYR A 65 -5.68 4.01 -2.28
N SER A 66 -4.99 4.18 -3.40
CA SER A 66 -3.94 3.25 -3.80
C SER A 66 -2.70 4.04 -4.22
N LEU A 67 -1.53 3.61 -3.75
CA LEU A 67 -0.25 4.16 -4.20
C LEU A 67 0.52 3.07 -4.92
N PHE A 68 0.70 3.25 -6.23
CA PHE A 68 1.41 2.27 -7.07
C PHE A 68 2.53 2.92 -7.84
N LYS A 69 3.57 2.13 -8.12
CA LYS A 69 4.65 2.61 -8.97
C LYS A 69 4.05 3.03 -10.29
N ASP A 70 4.47 4.18 -10.79
CA ASP A 70 3.94 4.70 -12.04
C ASP A 70 4.22 3.66 -13.14
N GLY A 71 3.21 3.40 -13.96
CA GLY A 71 3.28 2.32 -14.95
C GLY A 71 2.56 1.04 -14.54
N ILE A 72 2.25 0.89 -13.24
CA ILE A 72 1.45 -0.22 -12.75
C ILE A 72 0.08 0.32 -12.33
N GLU A 73 -0.96 -0.11 -13.03
CA GLU A 73 -2.32 0.26 -12.66
C GLU A 73 -2.72 -0.49 -11.40
N PRO A 74 -3.56 0.12 -10.53
CA PRO A 74 -3.87 -0.46 -9.23
C PRO A 74 -4.97 -1.51 -9.31
N MET A 75 -4.76 -2.51 -10.16
CA MET A 75 -5.77 -3.55 -10.39
C MET A 75 -5.11 -4.89 -10.70
N TRP A 76 -5.86 -5.95 -10.43
CA TRP A 76 -5.40 -7.34 -10.62
C TRP A 76 -4.88 -7.59 -12.04
N GLU A 77 -5.54 -6.96 -13.01
CA GLU A 77 -5.34 -7.23 -14.44
C GLU A 77 -4.01 -6.74 -14.97
N ASP A 78 -3.37 -5.79 -14.28
CA ASP A 78 -2.05 -5.31 -14.71
C ASP A 78 -1.06 -6.46 -14.82
N GLU A 79 -0.21 -6.39 -15.85
CA GLU A 79 0.83 -7.39 -16.07
C GLU A 79 1.68 -7.64 -14.83
N LYS A 80 1.95 -6.59 -14.06
CA LYS A 80 2.76 -6.71 -12.84
C LYS A 80 1.98 -7.13 -11.60
N ASN A 81 0.65 -7.19 -11.66
CA ASN A 81 -0.17 -7.70 -10.55
C ASN A 81 -0.81 -9.07 -10.79
N LYS A 82 -1.01 -9.48 -12.05
CA LYS A 82 -1.80 -10.69 -12.33
C LYS A 82 -1.25 -12.00 -11.74
N ARG A 83 0.06 -12.11 -11.64
CA ARG A 83 0.71 -13.26 -11.01
C ARG A 83 1.06 -13.01 -9.54
N GLY A 84 0.58 -11.89 -9.01
CA GLY A 84 1.02 -11.39 -7.71
C GLY A 84 0.00 -11.65 -6.63
N GLY A 85 0.09 -10.86 -5.56
CA GLY A 85 -0.73 -11.05 -4.39
C GLY A 85 -0.53 -9.91 -3.43
N ARG A 86 -1.11 -10.04 -2.24
CA ARG A 86 -1.04 -9.00 -1.22
C ARG A 86 -0.82 -9.51 0.19
N TRP A 87 -0.05 -8.76 0.97
CA TRP A 87 -0.06 -8.88 2.43
C TRP A 87 -1.23 -8.06 2.95
N LEU A 88 -2.15 -8.70 3.65
CA LEU A 88 -3.39 -8.04 4.11
C LEU A 88 -3.38 -7.74 5.61
N ILE A 89 -3.66 -6.48 5.94
CA ILE A 89 -3.91 -6.04 7.32
C ILE A 89 -5.41 -5.78 7.45
N THR A 90 -6.09 -6.52 8.33
CA THR A 90 -7.53 -6.34 8.54
C THR A 90 -7.74 -5.64 9.87
N LEU A 91 -8.52 -4.56 9.83
CA LEU A 91 -8.75 -3.71 11.00
CA LEU A 91 -8.74 -3.73 11.00
C LEU A 91 -10.16 -3.92 11.50
N ASN A 92 -10.34 -3.86 12.81
CA ASN A 92 -11.70 -3.86 13.36
C ASN A 92 -12.26 -2.43 13.25
N LYS A 93 -13.54 -2.26 13.55
CA LYS A 93 -14.19 -0.94 13.42
C LYS A 93 -13.53 0.15 14.27
N GLN A 94 -13.18 -0.17 15.52
CA GLN A 94 -12.52 0.80 16.41
C GLN A 94 -11.12 1.23 15.96
N GLN A 95 -10.45 0.38 15.19
CA GLN A 95 -9.13 0.72 14.65
C GLN A 95 -9.17 1.78 13.55
N ARG A 96 -10.35 2.10 13.00
CA ARG A 96 -10.45 3.30 12.16
C ARG A 96 -9.91 4.52 12.89
N ARG A 97 -10.25 4.62 14.17
CA ARG A 97 -9.81 5.74 15.00
C ARG A 97 -8.37 5.58 15.47
N SER A 98 -8.05 4.40 16.00
CA SER A 98 -6.76 4.22 16.68
C SER A 98 -5.58 3.94 15.76
N ASP A 99 -5.79 3.18 14.68
CA ASP A 99 -4.69 2.64 13.87
C ASP A 99 -4.68 2.96 12.37
N LEU A 100 -5.84 3.22 11.76
CA LEU A 100 -5.92 3.29 10.27
C LEU A 100 -4.97 4.32 9.68
N ASP A 101 -5.02 5.55 10.19
CA ASP A 101 -4.21 6.62 9.60
C ASP A 101 -2.72 6.42 9.81
N ARG A 102 -2.33 6.01 11.01
CA ARG A 102 -0.91 5.77 11.31
C ARG A 102 -0.38 4.56 10.55
N PHE A 103 -1.20 3.51 10.40
CA PHE A 103 -0.80 2.33 9.60
C PHE A 103 -0.66 2.68 8.12
N TRP A 104 -1.58 3.47 7.59
CA TRP A 104 -1.51 3.87 6.19
C TRP A 104 -0.27 4.73 5.92
N LEU A 105 0.00 5.71 6.79
CA LEU A 105 1.18 6.53 6.61
C LEU A 105 2.46 5.71 6.69
N GLU A 106 2.54 4.80 7.65
CA GLU A 106 3.71 3.94 7.74
C GLU A 106 3.88 3.12 6.46
N THR A 107 2.77 2.65 5.89
CA THR A 107 2.78 1.90 4.63
C THR A 107 3.34 2.75 3.50
N LEU A 108 2.83 3.97 3.38
CA LEU A 108 3.35 4.93 2.38
C LEU A 108 4.85 5.16 2.54
N LEU A 109 5.33 5.31 3.78
CA LEU A 109 6.76 5.56 4.01
C LEU A 109 7.60 4.34 3.66
N CYS A 110 7.09 3.15 3.96
CA CYS A 110 7.76 1.90 3.56
C CYS A 110 7.97 1.86 2.06
N LEU A 111 6.93 2.19 1.31
CA LEU A 111 6.98 2.16 -0.15
C LEU A 111 7.97 3.16 -0.72
N ILE A 112 7.75 4.44 -0.42
CA ILE A 112 8.56 5.50 -1.05
C ILE A 112 10.01 5.47 -0.61
N GLY A 113 10.27 5.01 0.62
CA GLY A 113 11.63 4.91 1.11
C GLY A 113 12.44 3.70 0.67
N GLU A 114 11.82 2.78 -0.09
CA GLU A 114 12.48 1.54 -0.59
C GLU A 114 12.97 0.70 0.59
N SER A 115 12.03 0.30 1.43
CA SER A 115 12.33 -0.24 2.74
C SER A 115 12.43 -1.76 2.78
N PHE A 116 12.36 -2.43 1.63
CA PHE A 116 12.38 -3.89 1.56
C PHE A 116 13.70 -4.43 1.02
N ASP A 117 14.76 -3.61 1.16
CA ASP A 117 16.13 -3.91 0.73
C ASP A 117 16.25 -4.65 -0.62
N ASP A 118 16.76 -5.88 -0.63
CA ASP A 118 17.00 -6.60 -1.88
C ASP A 118 15.73 -6.93 -2.67
N TYR A 119 14.55 -6.86 -2.02
CA TYR A 119 13.29 -7.26 -2.64
C TYR A 119 12.34 -6.09 -2.92
N SER A 120 12.85 -4.86 -2.89
CA SER A 120 12.02 -3.68 -3.15
C SER A 120 11.38 -3.67 -4.56
N ASP A 121 12.05 -4.23 -5.55
CA ASP A 121 11.49 -4.33 -6.89
C ASP A 121 10.26 -5.24 -7.00
N ASP A 122 10.09 -6.17 -6.07
CA ASP A 122 8.88 -7.02 -6.04
C ASP A 122 7.63 -6.28 -5.57
N VAL A 123 7.79 -5.13 -4.92
CA VAL A 123 6.63 -4.36 -4.44
C VAL A 123 6.00 -3.57 -5.60
N CYS A 124 4.68 -3.68 -5.76
CA CYS A 124 3.94 -2.94 -6.79
C CYS A 124 3.29 -1.70 -6.24
N GLY A 125 2.74 -1.81 -5.03
CA GLY A 125 1.96 -0.72 -4.48
C GLY A 125 1.26 -1.12 -3.21
N ALA A 126 0.37 -0.25 -2.75
CA ALA A 126 -0.44 -0.53 -1.57
C ALA A 126 -1.80 0.10 -1.73
N VAL A 127 -2.77 -0.49 -1.02
CA VAL A 127 -4.17 -0.10 -1.10
C VAL A 127 -4.73 0.00 0.31
N VAL A 128 -5.47 1.07 0.57
CA VAL A 128 -6.28 1.16 1.79
C VAL A 128 -7.76 1.20 1.37
N ASN A 129 -8.53 0.26 1.91
CA ASN A 129 -9.98 0.20 1.74
C ASN A 129 -10.68 0.69 3.01
N VAL A 130 -11.46 1.76 2.89
CA VAL A 130 -12.28 2.25 3.99
C VAL A 130 -13.65 1.58 3.82
N ARG A 131 -14.02 0.74 4.79
CA ARG A 131 -15.22 -0.08 4.71
C ARG A 131 -15.95 -0.12 6.04
N ALA A 132 -17.28 -0.08 5.97
CA ALA A 132 -18.13 -0.15 7.17
C ALA A 132 -17.90 -1.41 8.02
N LYS A 133 -17.71 -2.55 7.36
CA LYS A 133 -17.43 -3.82 8.05
C LYS A 133 -16.04 -3.93 8.70
N GLY A 134 -15.10 -3.06 8.31
CA GLY A 134 -13.73 -3.13 8.79
C GLY A 134 -12.77 -2.72 7.69
N ASP A 135 -11.87 -1.81 8.02
CA ASP A 135 -10.94 -1.27 7.02
C ASP A 135 -9.85 -2.30 6.73
N LYS A 136 -9.23 -2.18 5.56
CA LYS A 136 -8.12 -3.04 5.17
C LYS A 136 -7.01 -2.20 4.60
N ILE A 137 -5.76 -2.60 4.88
CA ILE A 137 -4.58 -2.05 4.20
C ILE A 137 -3.82 -3.23 3.65
N ALA A 138 -3.24 -3.08 2.45
CA ALA A 138 -2.46 -4.17 1.86
C ALA A 138 -1.28 -3.67 1.04
N ILE A 139 -0.19 -4.42 1.07
CA ILE A 139 0.95 -4.22 0.17
C ILE A 139 0.86 -5.28 -0.91
N TRP A 140 0.85 -4.83 -2.16
CA TRP A 140 0.74 -5.69 -3.33
C TRP A 140 2.13 -5.98 -3.88
N THR A 141 2.41 -7.25 -4.17
CA THR A 141 3.70 -7.67 -4.72
C THR A 141 3.44 -8.40 -6.04
N THR A 142 4.51 -8.56 -6.81
CA THR A 142 4.38 -8.91 -8.24
C THR A 142 4.28 -10.40 -8.55
N GLU A 143 4.78 -11.26 -7.67
CA GLU A 143 4.87 -12.71 -7.94
C GLU A 143 4.59 -13.50 -6.67
N CYS A 144 3.42 -14.14 -6.62
CA CYS A 144 2.98 -14.86 -5.43
C CYS A 144 3.77 -16.15 -5.16
N GLU A 145 4.54 -16.61 -6.14
CA GLU A 145 5.37 -17.83 -6.00
C GLU A 145 6.82 -17.59 -5.53
N ASN A 146 7.24 -16.32 -5.39
CA ASN A 146 8.58 -16.03 -4.88
C ASN A 146 8.52 -16.02 -3.35
N ARG A 147 8.63 -17.21 -2.77
CA ARG A 147 8.52 -17.38 -1.33
C ARG A 147 9.46 -16.46 -0.56
N GLU A 148 10.70 -16.36 -1.02
CA GLU A 148 11.74 -15.61 -0.31
C GLU A 148 11.41 -14.13 -0.27
N ALA A 149 11.10 -13.58 -1.45
CA ALA A 149 10.74 -12.16 -1.59
C ALA A 149 9.48 -11.80 -0.82
N VAL A 150 8.45 -12.62 -0.98
CA VAL A 150 7.14 -12.38 -0.35
C VAL A 150 7.26 -12.43 1.17
N THR A 151 7.94 -13.45 1.70
CA THR A 151 8.08 -13.59 3.15
CA THR A 151 8.11 -13.61 3.14
C THR A 151 8.91 -12.45 3.71
N HIS A 152 9.98 -12.06 3.00
CA HIS A 152 10.82 -10.96 3.48
C HIS A 152 10.01 -9.66 3.58
N ILE A 153 9.27 -9.36 2.52
CA ILE A 153 8.40 -8.17 2.47
C ILE A 153 7.40 -8.18 3.64
N GLY A 154 6.76 -9.32 3.87
CA GLY A 154 5.81 -9.43 4.98
C GLY A 154 6.44 -9.15 6.33
N ARG A 155 7.63 -9.71 6.54
CA ARG A 155 8.33 -9.54 7.81
CA ARG A 155 8.35 -9.55 7.80
C ARG A 155 8.77 -8.08 8.03
N VAL A 156 9.25 -7.42 6.97
CA VAL A 156 9.56 -5.99 7.04
C VAL A 156 8.32 -5.20 7.42
N TYR A 157 7.22 -5.50 6.74
CA TYR A 157 5.97 -4.75 6.90
C TYR A 157 5.45 -4.87 8.33
N LYS A 158 5.47 -6.10 8.85
CA LYS A 158 4.99 -6.36 10.20
C LYS A 158 5.84 -5.60 11.22
N GLU A 159 7.16 -5.64 11.04
CA GLU A 159 8.07 -4.92 11.93
C GLU A 159 7.85 -3.40 11.87
N ARG A 160 7.61 -2.86 10.68
CA ARG A 160 7.39 -1.41 10.52
C ARG A 160 6.05 -0.92 11.08
N LEU A 161 5.04 -1.76 11.05
CA LEU A 161 3.75 -1.46 11.72
C LEU A 161 3.79 -1.67 13.24
N GLY A 162 4.85 -2.29 13.74
CA GLY A 162 5.00 -2.54 15.18
C GLY A 162 4.07 -3.62 15.71
N LEU A 163 3.70 -4.60 14.86
CA LEU A 163 2.80 -5.67 15.29
C LEU A 163 3.60 -6.76 16.01
N PRO A 164 3.11 -7.22 17.18
CA PRO A 164 3.84 -8.27 17.91
C PRO A 164 3.78 -9.64 17.21
N PRO A 165 4.74 -10.54 17.50
CA PRO A 165 4.77 -11.92 16.97
C PRO A 165 3.45 -12.69 17.05
N LYS A 166 2.70 -12.49 18.13
CA LYS A 166 1.39 -13.12 18.32
C LYS A 166 0.33 -12.74 17.28
N ILE A 167 0.42 -11.54 16.71
CA ILE A 167 -0.49 -11.13 15.64
C ILE A 167 0.06 -11.68 14.32
N VAL A 168 -0.77 -12.47 13.64
CA VAL A 168 -0.38 -13.14 12.41
C VAL A 168 -1.08 -12.46 11.23
N ILE A 169 -0.33 -12.17 10.18
CA ILE A 169 -0.88 -11.61 8.94
C ILE A 169 -0.66 -12.60 7.79
N GLY A 170 -1.51 -12.50 6.79
CA GLY A 170 -1.55 -13.47 5.69
C GLY A 170 -1.35 -12.81 4.35
N TYR A 171 -0.82 -13.60 3.41
CA TYR A 171 -0.63 -13.19 2.03
C TYR A 171 -1.56 -14.01 1.14
N GLN A 172 -2.35 -13.34 0.28
CA GLN A 172 -3.25 -14.02 -0.66
C GLN A 172 -2.85 -13.67 -2.10
N SER A 173 -2.92 -14.65 -3.00
CA SER A 173 -2.68 -14.37 -4.41
C SER A 173 -3.92 -13.66 -4.94
N HIS A 174 -3.73 -12.79 -5.91
CA HIS A 174 -4.83 -12.08 -6.54
C HIS A 174 -5.71 -13.06 -7.31
N ALA A 175 -5.09 -14.07 -7.92
CA ALA A 175 -5.85 -15.12 -8.64
C ALA A 175 -6.87 -15.78 -7.71
N ASP A 176 -6.44 -16.11 -6.48
CA ASP A 176 -7.36 -16.66 -5.47
C ASP A 176 -8.39 -15.64 -4.99
N THR A 177 -7.95 -14.42 -4.69
CA THR A 177 -8.88 -13.37 -4.29
C THR A 177 -10.00 -13.14 -5.33
N ALA A 178 -9.66 -13.20 -6.61
CA ALA A 178 -10.61 -12.93 -7.70
C ALA A 178 -11.55 -14.10 -8.01
N THR A 179 -11.28 -15.29 -7.47
CA THR A 179 -12.10 -16.47 -7.71
C THR A 179 -13.10 -16.67 -6.55
N LYS A 180 -14.34 -16.99 -6.90
CA LYS A 180 -15.40 -17.17 -5.90
C LYS A 180 -15.19 -18.47 -5.13
N THR A 185 -10.99 -16.83 1.10
CA THR A 185 -9.71 -16.93 0.39
C THR A 185 -8.62 -17.48 1.32
N LYS A 186 -7.84 -18.45 0.83
CA LYS A 186 -6.74 -19.04 1.59
C LYS A 186 -5.48 -18.16 1.55
N ASN A 187 -4.68 -18.25 2.60
CA ASN A 187 -3.34 -17.64 2.65
C ASN A 187 -2.32 -18.56 1.98
N ARG A 188 -1.46 -18.01 1.13
CA ARG A 188 -0.29 -18.73 0.60
C ARG A 188 0.85 -18.72 1.61
N PHE A 189 0.99 -17.59 2.31
CA PHE A 189 2.02 -17.43 3.34
C PHE A 189 1.45 -16.70 4.54
N VAL A 190 2.15 -16.86 5.65
CA VAL A 190 1.82 -16.22 6.91
C VAL A 190 3.11 -15.77 7.60
N VAL A 191 3.06 -14.62 8.29
CA VAL A 191 4.18 -14.14 9.14
C VAL A 191 3.66 -13.46 10.40
N LYS B 2 19.55 2.67 -5.41
CA LYS B 2 20.41 3.57 -4.67
C LYS B 2 19.66 4.47 -3.68
N LYS B 3 18.49 5.00 -4.06
CA LYS B 3 17.75 5.91 -3.15
C LYS B 3 16.92 5.16 -2.11
N ARG B 4 17.46 5.06 -0.90
CA ARG B 4 16.75 4.51 0.24
C ARG B 4 16.71 5.58 1.34
N TYR B 5 15.55 5.72 1.96
CA TYR B 5 15.36 6.64 3.08
C TYR B 5 14.83 5.90 4.28
N SER B 6 15.41 6.16 5.45
CA SER B 6 14.85 5.68 6.71
C SER B 6 13.55 6.41 7.01
N ARG B 7 12.75 5.80 7.87
CA ARG B 7 11.55 6.43 8.43
C ARG B 7 11.82 7.82 9.01
N GLN B 9 14.34 9.92 8.48
CA GLN B 9 14.67 10.85 7.39
C GLN B 9 13.42 11.40 6.70
N LEU B 10 12.49 10.51 6.37
CA LEU B 10 11.26 10.94 5.69
C LEU B 10 10.44 11.90 6.55
N LEU B 11 10.31 11.62 7.83
CA LEU B 11 9.56 12.47 8.74
C LEU B 11 10.22 13.85 8.93
N PHE B 13 11.99 15.47 6.79
CA PHE B 13 11.73 16.22 5.55
C PHE B 13 10.32 16.79 5.41
N TRP B 14 9.37 16.32 6.22
CA TRP B 14 8.01 16.86 6.32
C TRP B 14 8.07 18.29 6.85
#